data_7RX5
# 
_entry.id   7RX5 
# 
_audit_conform.dict_name       mmcif_pdbx.dic 
_audit_conform.dict_version    5.403 
_audit_conform.dict_location   http://mmcif.pdb.org/dictionaries/ascii/mmcif_pdbx.dic 
# 
loop_
_database_2.database_id 
_database_2.database_code 
_database_2.pdbx_database_accession 
_database_2.pdbx_DOI 
PDB   7RX5         pdb_00007rx5 10.2210/pdb7rx5/pdb 
WWPDB D_1000259174 ?            ?                   
EMDB  EMD-24725    ?            ?                   
# 
loop_
_pdbx_audit_revision_history.ordinal 
_pdbx_audit_revision_history.data_content_type 
_pdbx_audit_revision_history.major_revision 
_pdbx_audit_revision_history.minor_revision 
_pdbx_audit_revision_history.revision_date 
_pdbx_audit_revision_history.part_number 
1  'Structure model' 1 0 2021-09-08 ? 
2  'EM metadata'     1 0 2021-09-08 ? 
3  Image             1 0 2021-09-08 ? 
4  'Primary map'     1 0 2021-09-08 ? 
5  'Structure model' 1 1 2022-02-23 ? 
6  Image             1 0 2021-09-08 ? 
7  'Primary map'     1 0 2021-09-08 ? 
8  'Structure model' 1 2 2022-03-02 ? 
9  Image             1 0 2021-09-08 ? 
10 'Primary map'     1 0 2021-09-08 ? 
11 'Structure model' 1 3 2022-09-28 ? 
12 Image             1 0 2021-09-08 ? 
13 'Primary map'     1 0 2021-09-08 ? 
14 'Structure model' 1 4 2024-06-05 ? 
15 Image             1 0 2021-09-08 ? 
16 'Primary map'     1 0 2021-09-08 ? 
17 'Structure model' 1 5 2025-05-14 ? 
18 'EM metadata'     1 1 2025-05-14 ? 
# 
loop_
_pdbx_audit_revision_details.ordinal 
_pdbx_audit_revision_details.revision_ordinal 
_pdbx_audit_revision_details.data_content_type 
_pdbx_audit_revision_details.provider 
_pdbx_audit_revision_details.type 
_pdbx_audit_revision_details.description 
_pdbx_audit_revision_details.details 
1  1  'Structure model' repository 'Initial release' ? ? 
2  2  'EM metadata'     repository 'Initial release' ? ? 
3  3  Image             repository 'Initial release' ? ? 
4  4  'Primary map'     repository 'Initial release' ? ? 
5  6  Image             repository 'Initial release' ? ? 
6  7  'Primary map'     repository 'Initial release' ? ? 
7  9  Image             repository 'Initial release' ? ? 
8  10 'Primary map'     repository 'Initial release' ? ? 
9  12 Image             repository 'Initial release' ? ? 
10 13 'Primary map'     repository 'Initial release' ? ? 
11 15 Image             repository 'Initial release' ? ? 
12 16 'Primary map'     repository 'Initial release' ? ? 
# 
loop_
_pdbx_audit_revision_group.ordinal 
_pdbx_audit_revision_group.revision_ordinal 
_pdbx_audit_revision_group.data_content_type 
_pdbx_audit_revision_group.group 
1 5  'Structure model' 'Database references'  
2 5  'Structure model' 'Derived calculations' 
3 8  'Structure model' 'Database references'  
4 11 'Structure model' 'Database references'  
5 14 'Structure model' 'Data collection'      
6 17 'Structure model' 'Data collection'      
7 17 'Structure model' 'Structure summary'    
8 18 'EM metadata'     'Data processing'      
9 18 'EM metadata'     'Experimental summary' 
# 
loop_
_pdbx_audit_revision_category.ordinal 
_pdbx_audit_revision_category.revision_ordinal 
_pdbx_audit_revision_category.data_content_type 
_pdbx_audit_revision_category.category 
1  5  'Structure model' citation              
2  5  'Structure model' citation_author       
3  5  'Structure model' pdbx_struct_oper_list 
4  8  'Structure model' citation              
5  11 'Structure model' citation              
6  14 'Structure model' chem_comp_atom        
7  14 'Structure model' chem_comp_bond        
8  17 'Structure model' em_admin              
9  17 'Structure model' em_software           
10 17 'Structure model' pdbx_entry_details    
11 18 'EM metadata'     em_admin              
12 18 'EM metadata'     em_software           
# 
loop_
_pdbx_audit_revision_item.ordinal 
_pdbx_audit_revision_item.revision_ordinal 
_pdbx_audit_revision_item.data_content_type 
_pdbx_audit_revision_item.item 
1  5  'Structure model' '_citation.country'                         
2  5  'Structure model' '_citation.journal_abbrev'                  
3  5  'Structure model' '_citation.journal_id_CSD'                  
4  5  'Structure model' '_citation.journal_id_ISSN'                 
5  5  'Structure model' '_citation.pdbx_database_id_DOI'            
6  5  'Structure model' '_citation.title'                           
7  5  'Structure model' '_citation.year'                            
8  5  'Structure model' '_pdbx_struct_oper_list.name'               
9  5  'Structure model' '_pdbx_struct_oper_list.symmetry_operation' 
10 5  'Structure model' '_pdbx_struct_oper_list.type'               
11 8  'Structure model' '_citation.pdbx_database_id_PubMed'         
12 8  'Structure model' '_citation.title'                           
13 11 'Structure model' '_citation.journal_volume'                  
14 11 'Structure model' '_citation.page_first'                      
15 11 'Structure model' '_citation.page_last'                       
16 17 'Structure model' '_em_admin.last_update'                     
17 17 'Structure model' '_em_software.name'                         
18 18 'EM metadata'     '_em_admin.last_update'                     
19 18 'EM metadata'     '_em_software.name'                         
# 
_pdbx_database_status.status_code                     REL 
_pdbx_database_status.status_code_sf                  ? 
_pdbx_database_status.status_code_mr                  ? 
_pdbx_database_status.entry_id                        7RX5 
_pdbx_database_status.recvd_initial_deposition_date   2021-08-21 
_pdbx_database_status.SG_entry                        N 
_pdbx_database_status.deposit_site                    RCSB 
_pdbx_database_status.process_site                    RCSB 
_pdbx_database_status.status_code_cs                  ? 
_pdbx_database_status.status_code_nmr_data            ? 
_pdbx_database_status.methods_development_category    ? 
_pdbx_database_status.pdb_format_compatible           Y 
# 
_pdbx_database_related.db_name        EMDB 
_pdbx_database_related.details        'Cryo-EM reconstruction of Form1-N2 nanotube (Form I like)' 
_pdbx_database_related.db_id          EMD-24725 
_pdbx_database_related.content_type   'associated EM volume' 
# 
loop_
_audit_author.name 
_audit_author.pdbx_ordinal 
_audit_author.identifier_ORCID 
'Wang, F.'         1 0000-0003-1008-663X 
'Gnewou, O.M.'     2 ?                   
'Solemanifar, A.'  3 ?                   
'Xu, C.'           4 ?                   
'Egelman, E.H.'    5 ?                   
'Conticello, V.P.' 6 ?                   
# 
_citation.abstract                  ? 
_citation.abstract_id_CAS           ? 
_citation.book_id_ISBN              ? 
_citation.book_publisher            ? 
_citation.book_publisher_city       ? 
_citation.book_title                ? 
_citation.coordinate_linkage        ? 
_citation.country                   US 
_citation.database_id_Medline       ? 
_citation.details                   ? 
_citation.id                        primary 
_citation.journal_abbrev            Chem.Rev. 
_citation.journal_id_ASTM           ? 
_citation.journal_id_CSD            ? 
_citation.journal_id_ISSN           1520-6890 
_citation.journal_full              ? 
_citation.journal_issue             ? 
_citation.journal_volume            122 
_citation.language                  ? 
_citation.page_first                14055 
_citation.page_last                 14065 
_citation.title                     'Cryo-EM of Helical Polymers.' 
_citation.year                      2022 
_citation.database_id_CSD           ? 
_citation.pdbx_database_id_DOI      10.1021/acs.chemrev.1c00753 
_citation.pdbx_database_id_PubMed   35133794 
_citation.pdbx_database_id_patent   ? 
_citation.unpublished_flag          ? 
# 
loop_
_citation_author.citation_id 
_citation_author.name 
_citation_author.ordinal 
_citation_author.identifier_ORCID 
primary 'Wang, F.'         1 ? 
primary 'Gnewou, O.'       2 ? 
primary 'Solemanifar, A.'  3 ? 
primary 'Conticello, V.P.' 4 ? 
primary 'Egelman, E.H.'    5 ? 
# 
_entity.id                         1 
_entity.type                       polymer 
_entity.src_method                 syn 
_entity.pdbx_description           'F1-N2 nanotube' 
_entity.formula_weight             3255.659 
_entity.pdbx_number_of_molecules   1 
_entity.pdbx_ec                    ? 
_entity.pdbx_mutation              ? 
_entity.pdbx_fragment              ? 
_entity.details                    ? 
# 
_entity_poly.entity_id                      1 
_entity_poly.type                           'polypeptide(L)' 
_entity_poly.nstd_linkage                   no 
_entity_poly.nstd_monomer                   no 
_entity_poly.pdbx_seq_one_letter_code       QAEILKADAENNRAYARILEAHAEILKAQ 
_entity_poly.pdbx_seq_one_letter_code_can   QAEILKADAENNRAYARILEAHAEILKAQ 
_entity_poly.pdbx_strand_id                 A 
_entity_poly.pdbx_target_identifier         ? 
# 
loop_
_entity_poly_seq.entity_id 
_entity_poly_seq.num 
_entity_poly_seq.mon_id 
_entity_poly_seq.hetero 
1 1  GLN n 
1 2  ALA n 
1 3  GLU n 
1 4  ILE n 
1 5  LEU n 
1 6  LYS n 
1 7  ALA n 
1 8  ASP n 
1 9  ALA n 
1 10 GLU n 
1 11 ASN n 
1 12 ASN n 
1 13 ARG n 
1 14 ALA n 
1 15 TYR n 
1 16 ALA n 
1 17 ARG n 
1 18 ILE n 
1 19 LEU n 
1 20 GLU n 
1 21 ALA n 
1 22 HIS n 
1 23 ALA n 
1 24 GLU n 
1 25 ILE n 
1 26 LEU n 
1 27 LYS n 
1 28 ALA n 
1 29 GLN n 
# 
_pdbx_entity_src_syn.entity_id              1 
_pdbx_entity_src_syn.pdbx_src_id            1 
_pdbx_entity_src_syn.pdbx_alt_source_flag   sample 
_pdbx_entity_src_syn.pdbx_beg_seq_num       1 
_pdbx_entity_src_syn.pdbx_end_seq_num       29 
_pdbx_entity_src_syn.organism_scientific    'Synthetic construct' 
_pdbx_entity_src_syn.organism_common_name   ? 
_pdbx_entity_src_syn.ncbi_taxonomy_id       32630 
_pdbx_entity_src_syn.details                ? 
# 
loop_
_chem_comp.id 
_chem_comp.type 
_chem_comp.mon_nstd_flag 
_chem_comp.name 
_chem_comp.pdbx_synonyms 
_chem_comp.formula 
_chem_comp.formula_weight 
ALA 'L-peptide linking' y ALANINE         ? 'C3 H7 N O2'     89.093  
ARG 'L-peptide linking' y ARGININE        ? 'C6 H15 N4 O2 1' 175.209 
ASN 'L-peptide linking' y ASPARAGINE      ? 'C4 H8 N2 O3'    132.118 
ASP 'L-peptide linking' y 'ASPARTIC ACID' ? 'C4 H7 N O4'     133.103 
GLN 'L-peptide linking' y GLUTAMINE       ? 'C5 H10 N2 O3'   146.144 
GLU 'L-peptide linking' y 'GLUTAMIC ACID' ? 'C5 H9 N O4'     147.129 
HIS 'L-peptide linking' y HISTIDINE       ? 'C6 H10 N3 O2 1' 156.162 
ILE 'L-peptide linking' y ISOLEUCINE      ? 'C6 H13 N O2'    131.173 
LEU 'L-peptide linking' y LEUCINE         ? 'C6 H13 N O2'    131.173 
LYS 'L-peptide linking' y LYSINE          ? 'C6 H15 N2 O2 1' 147.195 
TYR 'L-peptide linking' y TYROSINE        ? 'C9 H11 N O3'    181.189 
# 
loop_
_pdbx_poly_seq_scheme.asym_id 
_pdbx_poly_seq_scheme.entity_id 
_pdbx_poly_seq_scheme.seq_id 
_pdbx_poly_seq_scheme.mon_id 
_pdbx_poly_seq_scheme.ndb_seq_num 
_pdbx_poly_seq_scheme.pdb_seq_num 
_pdbx_poly_seq_scheme.auth_seq_num 
_pdbx_poly_seq_scheme.pdb_mon_id 
_pdbx_poly_seq_scheme.auth_mon_id 
_pdbx_poly_seq_scheme.pdb_strand_id 
_pdbx_poly_seq_scheme.pdb_ins_code 
_pdbx_poly_seq_scheme.hetero 
A 1 1  GLN 1  1  1  GLN GLN A . n 
A 1 2  ALA 2  2  2  ALA ALA A . n 
A 1 3  GLU 3  3  3  GLU GLU A . n 
A 1 4  ILE 4  4  4  ILE ILE A . n 
A 1 5  LEU 5  5  5  LEU LEU A . n 
A 1 6  LYS 6  6  6  LYS LYS A . n 
A 1 7  ALA 7  7  7  ALA ALA A . n 
A 1 8  ASP 8  8  8  ASP ASP A . n 
A 1 9  ALA 9  9  9  ALA ALA A . n 
A 1 10 GLU 10 10 10 GLU GLU A . n 
A 1 11 ASN 11 11 11 ASN ASN A . n 
A 1 12 ASN 12 12 12 ASN ASN A . n 
A 1 13 ARG 13 13 13 ARG ARG A . n 
A 1 14 ALA 14 14 14 ALA ALA A . n 
A 1 15 TYR 15 15 15 TYR TYR A . n 
A 1 16 ALA 16 16 16 ALA ALA A . n 
A 1 17 ARG 17 17 17 ARG ARG A . n 
A 1 18 ILE 18 18 18 ILE ILE A . n 
A 1 19 LEU 19 19 19 LEU LEU A . n 
A 1 20 GLU 20 20 20 GLU GLU A . n 
A 1 21 ALA 21 21 21 ALA ALA A . n 
A 1 22 HIS 22 22 22 HIS HIS A . n 
A 1 23 ALA 23 23 23 ALA ALA A . n 
A 1 24 GLU 24 24 24 GLU GLU A . n 
A 1 25 ILE 25 25 25 ILE ILE A . n 
A 1 26 LEU 26 26 26 LEU LEU A . n 
A 1 27 LYS 27 27 27 LYS LYS A . n 
A 1 28 ALA 28 28 28 ALA ALA A . n 
A 1 29 GLN 29 29 29 GLN GLN A . n 
# 
_software.citation_id            ? 
_software.classification         refinement 
_software.compiler_name          ? 
_software.compiler_version       ? 
_software.contact_author         ? 
_software.contact_author_email   ? 
_software.date                   ? 
_software.description            ? 
_software.dependencies           ? 
_software.hardware               ? 
_software.language               ? 
_software.location               ? 
_software.mods                   ? 
_software.name                   PHENIX 
_software.os                     ? 
_software.os_version             ? 
_software.type                   ? 
_software.version                1.19.2_4158: 
_software.pdbx_ordinal           1 
# 
_exptl.absorpt_coefficient_mu     ? 
_exptl.absorpt_correction_T_max   ? 
_exptl.absorpt_correction_T_min   ? 
_exptl.absorpt_correction_type    ? 
_exptl.absorpt_process_details    ? 
_exptl.entry_id                   7RX5 
_exptl.crystals_number            ? 
_exptl.details                    ? 
_exptl.method                     'ELECTRON MICROSCOPY' 
_exptl.method_details             ? 
# 
_refine.pdbx_refine_id                           'ELECTRON MICROSCOPY' 
_refine.entry_id                                 7RX5 
_refine.pdbx_diffrn_id                           ? 
_refine.pdbx_TLS_residual_ADP_flag               ? 
_refine.ls_number_reflns_obs                     ? 
_refine.ls_number_reflns_all                     ? 
_refine.pdbx_ls_sigma_I                          ? 
_refine.pdbx_ls_sigma_F                          ? 
_refine.pdbx_data_cutoff_high_absF               ? 
_refine.pdbx_data_cutoff_low_absF                ? 
_refine.pdbx_data_cutoff_high_rms_absF           ? 
_refine.ls_d_res_low                             ? 
_refine.ls_d_res_high                            . 
_refine.ls_percent_reflns_obs                    ? 
_refine.ls_R_factor_obs                          ? 
_refine.ls_R_factor_all                          ? 
_refine.ls_R_factor_R_work                       ? 
_refine.ls_R_factor_R_free                       ? 
_refine.ls_R_factor_R_free_error                 ? 
_refine.ls_R_factor_R_free_error_details         ? 
_refine.ls_percent_reflns_R_free                 ? 
_refine.ls_number_reflns_R_free                  ? 
_refine.ls_number_parameters                     ? 
_refine.ls_number_restraints                     ? 
_refine.occupancy_min                            ? 
_refine.occupancy_max                            ? 
_refine.correlation_coeff_Fo_to_Fc               ? 
_refine.correlation_coeff_Fo_to_Fc_free          ? 
_refine.B_iso_mean                               ? 
_refine.aniso_B[1][1]                            ? 
_refine.aniso_B[2][2]                            ? 
_refine.aniso_B[3][3]                            ? 
_refine.aniso_B[1][2]                            ? 
_refine.aniso_B[1][3]                            ? 
_refine.aniso_B[2][3]                            ? 
_refine.solvent_model_details                    ? 
_refine.solvent_model_param_ksol                 ? 
_refine.solvent_model_param_bsol                 ? 
_refine.pdbx_solvent_vdw_probe_radii             ? 
_refine.pdbx_solvent_ion_probe_radii             ? 
_refine.pdbx_solvent_shrinkage_radii             ? 
_refine.pdbx_ls_cross_valid_method               ? 
_refine.details                                  ? 
_refine.pdbx_starting_model                      ? 
_refine.pdbx_method_to_determine_struct          ? 
_refine.pdbx_isotropic_thermal_model             ? 
_refine.pdbx_stereochemistry_target_values       ? 
_refine.pdbx_stereochem_target_val_spec_case     ? 
_refine.pdbx_R_Free_selection_details            ? 
_refine.pdbx_overall_ESU_R                       ? 
_refine.pdbx_overall_ESU_R_Free                  ? 
_refine.overall_SU_ML                            ? 
_refine.pdbx_overall_phase_error                 ? 
_refine.overall_SU_B                             ? 
_refine.overall_SU_R_Cruickshank_DPI             ? 
_refine.pdbx_overall_SU_R_free_Cruickshank_DPI   ? 
_refine.pdbx_overall_SU_R_Blow_DPI               ? 
_refine.pdbx_overall_SU_R_free_Blow_DPI          ? 
# 
loop_
_refine_ls_restr.pdbx_refine_id 
_refine_ls_restr.criterion 
_refine_ls_restr.dev_ideal 
_refine_ls_restr.dev_ideal_target 
_refine_ls_restr.number 
_refine_ls_restr.rejects 
_refine_ls_restr.type 
_refine_ls_restr.weight 
_refine_ls_restr.pdbx_restraint_function 
'ELECTRON MICROSCOPY' ? 0.002 ? 9160  ? f_bond_d           ? ? 
'ELECTRON MICROSCOPY' ? 0.232 ? 12280 ? f_angle_d          ? ? 
'ELECTRON MICROSCOPY' ? 3.140 ? 1240  ? f_dihedral_angle_d ? ? 
'ELECTRON MICROSCOPY' ? 0.028 ? 1400  ? f_chiral_restr     ? ? 
'ELECTRON MICROSCOPY' ? 0.001 ? 1640  ? f_plane_restr      ? ? 
# 
_struct.entry_id                     7RX5 
_struct.title                        'Cryo-EM reconstruction of Form1-N2 nanotube (Form I like)' 
_struct.pdbx_model_details           ? 
_struct.pdbx_formula_weight          ? 
_struct.pdbx_formula_weight_method   ? 
_struct.pdbx_model_type_details      ? 
_struct.pdbx_CASP_flag               N 
# 
_struct_keywords.entry_id        7RX5 
_struct_keywords.text            'helical symmetry, peptide nanotube, self-assembly, DE NOVO PROTEIN' 
_struct_keywords.pdbx_keywords   'DE NOVO PROTEIN' 
# 
_struct_asym.id                            A 
_struct_asym.pdbx_blank_PDB_chainid_flag   N 
_struct_asym.pdbx_modified                 N 
_struct_asym.entity_id                     1 
_struct_asym.details                       ? 
# 
_struct_ref.id                         1 
_struct_ref.db_name                    PDB 
_struct_ref.db_code                    7RX5 
_struct_ref.pdbx_db_accession          7RX5 
_struct_ref.pdbx_db_isoform            ? 
_struct_ref.entity_id                  1 
_struct_ref.pdbx_seq_one_letter_code   ? 
_struct_ref.pdbx_align_begin           1 
# 
_struct_ref_seq.align_id                      1 
_struct_ref_seq.ref_id                        1 
_struct_ref_seq.pdbx_PDB_id_code              7RX5 
_struct_ref_seq.pdbx_strand_id                A 
_struct_ref_seq.seq_align_beg                 1 
_struct_ref_seq.pdbx_seq_align_beg_ins_code   ? 
_struct_ref_seq.seq_align_end                 29 
_struct_ref_seq.pdbx_seq_align_end_ins_code   ? 
_struct_ref_seq.pdbx_db_accession             7RX5 
_struct_ref_seq.db_align_beg                  1 
_struct_ref_seq.pdbx_db_align_beg_ins_code    ? 
_struct_ref_seq.db_align_end                  29 
_struct_ref_seq.pdbx_db_align_end_ins_code    ? 
_struct_ref_seq.pdbx_auth_seq_align_beg       1 
_struct_ref_seq.pdbx_auth_seq_align_end       29 
# 
loop_
_pdbx_struct_assembly.id 
_pdbx_struct_assembly.details 
_pdbx_struct_assembly.method_details 
_pdbx_struct_assembly.oligomeric_details 
_pdbx_struct_assembly.oligomeric_count 
1 'representative helical assembly'            ? 40-meric  40 
2 'helical asymmetric unit'                    ? monomeric 1  
3 'helical asymmetric unit, std helical frame' ? monomeric 1  
# 
loop_
_pdbx_struct_assembly_gen.assembly_id 
_pdbx_struct_assembly_gen.oper_expression 
_pdbx_struct_assembly_gen.asym_id_list 
1 '(1-40)' A 
2 21       A 
3 H        A 
# 
_pdbx_struct_assembly_auth_evidence.id                     1 
_pdbx_struct_assembly_auth_evidence.assembly_id            1 
_pdbx_struct_assembly_auth_evidence.experimental_support   microscopy 
_pdbx_struct_assembly_auth_evidence.details                ? 
# 
loop_
_pdbx_struct_oper_list.id 
_pdbx_struct_oper_list.type 
_pdbx_struct_oper_list.name 
_pdbx_struct_oper_list.symmetry_operation 
_pdbx_struct_oper_list.matrix[1][1] 
_pdbx_struct_oper_list.matrix[1][2] 
_pdbx_struct_oper_list.matrix[1][3] 
_pdbx_struct_oper_list.vector[1] 
_pdbx_struct_oper_list.matrix[2][1] 
_pdbx_struct_oper_list.matrix[2][2] 
_pdbx_struct_oper_list.matrix[2][3] 
_pdbx_struct_oper_list.vector[2] 
_pdbx_struct_oper_list.matrix[3][1] 
_pdbx_struct_oper_list.matrix[3][2] 
_pdbx_struct_oper_list.matrix[3][3] 
_pdbx_struct_oper_list.vector[3] 
H  'identity operation'         1_555 x,y,z 1.00000000  0.00000000  0.00000000  0.00000   0.00000000  1.00000000  0.00000000  0.00000  0.00000000  0.00000000  1.00000000 0.00000   
1  'helical symmetry operation' ?     ?     -0.39783569 -0.91636262 -0.04479194 4.41069   0.89654134  -0.39866784 0.19307403  29.68996 -0.19478293 0.03665391  0.98016126 -43.48860 
2  'helical symmetry operation' ?     ?     0.41251493  0.90228671  -0.12533999 -17.90496 -0.91061724 0.41216519  -0.02993481 -2.95419 0.02465100  0.12648531  0.99166214 -42.71320 
3  'helical symmetry operation' ?     ?     0.86104892  -0.50763583 0.03001045  10.31251  0.50566551  0.86096620  0.05513258  4.60643  -0.05382525 -0.03229660 0.99802794 -36.76281 
4  'helical symmetry operation' ?     ?     -0.84636968 0.49355993  -0.20014237 -24.51134 -0.51974141 -0.84746884 0.10800664  22.80495 -0.11630667 0.19543583  0.97379546 -41.27313 
5  'helical symmetry operation' ?     ?     0.60849434  0.78736836  -0.09892279 -14.61240 -0.79291990 0.60826127  -0.03600375 -4.36743 0.03182269  0.10034593  0.99444357 -34.02964 
6  'helical symmetry operation' ?     ?     -0.59381510 -0.80144426 -0.07120914 -0.29100  0.77884400  -0.59476391 0.19914297  32.45441 -0.20195462 0.06279330  0.97737983 -35.84043 
7  'helical symmetry operation' ?     ?     -0.70836726 0.67592560  -0.20332338 -26.85973 -0.70015021 -0.70938427 0.08101624  19.25410 -0.08947346 0.19974616  0.97575405 -32.89942 
8  'helical symmetry operation' ?     ?     0.72304650  -0.69000151 0.03319145  11.25177  0.68607431  0.72288163  0.08212298  9.50848  -0.08065847 -0.03660693 0.99606935 -28.80479 
9  'helical symmetry operation' ?     ?     -0.75811436 -0.64466163 -0.09835657 -5.37004  0.61973161  -0.75916098 0.19901594  34.24863 -0.20296641 0.08992217  0.97504802 -28.14455 
10 'helical symmetry operation' ?     ?     0.77279360  0.63058573  -0.07177536 -10.94248 -0.63380751 0.77265834  -0.03587672 -4.81044 0.03283448  0.07321706  0.99677538 -25.39379 
11 'helical symmetry operation' ?     ?     0.54732719  -0.83637582 0.03014043  11.18682  0.82995693  0.54705771  0.10908422  14.66733 -0.10772396 -0.03468950 0.99357546 -20.95467 
12 'helical symmetry operation' ?     ?     -0.53264795 0.82229992  -0.20027236 -28.20391 -0.84403283 -0.53356035 0.05405500  15.44646 -0.06240797 0.19782873  0.97824794 -24.41782 
13 'helical symmetry operation' ?     ?     0.89675435  0.44020108  -0.04532832 -7.12574  -0.44166510 0.89669288  -0.02956040 -4.22427 0.02763306  0.04652836  0.99853469 -16.83042 
14 'helical symmetry operation' ?     ?     -0.88207510 -0.45427698 -0.12480361 -10.59592 0.42758920  -0.88319553 0.19269963  35.01366 -0.19776499 0.11661087  0.97328871 -20.37620 
15 'helical symmetry operation' ?     ?     -0.32847193 0.92496910  -0.19115009 -28.51016 -0.94380680 -0.32926278 0.02854375  11.61829 -0.03653653 0.18978458  0.98114571 -15.84497 
16 'helical symmetry operation' ?     ?     0.34315117  -0.93904500 0.02101817  10.08394  0.92973090  0.34276014  0.13459548  19.84671 -0.13359540 -0.02664536 0.99067769 -13.19579 
17 'helical symmetry operation' ?     ?     -0.95916474 -0.24032337 -0.14915651 -15.73035 0.21254246  -0.96033106 0.18052689  34.74480 -0.18662446 0.14145293  0.97219462 -12.51441 
18 'helical symmetry operation' ?     ?     0.97384398  0.22624747  -0.02097541 -3.40042  -0.22661836 0.97382841  -0.01738767 -2.60419 0.01649254  0.02168629  0.99962878 -8.36049  
19 'helical symmetry operation' ?     ?     0.12127828  -0.99259852 0.00630540  7.96414   0.98013827  0.12075517  0.15731233  24.80927 -0.15690939 -0.01289841 0.98752877 -5.50672  
20 'helical symmetry operation' ?     ?     -0.10659904 0.97852262  -0.17643733 -27.79948 -0.99421417 -0.10725781 0.00582689  8.00694  -0.01322253 0.17603763  0.98429463 -7.20231  
21 'identity operation'         1_555 x,y,z 1.00000000  0.00000000  0.00000000  0.00000   0.00000000  1.00000000  0.00000000  0.00000  0.00000000  0.00000000  1.00000000 0.00000   
22 'helical symmetry operation' ?     ?     -0.98532076 -0.01407590 -0.17013193 -20.53990 -0.01407590 -0.98650264 0.16313922  33.49182 -0.17013193 0.16313922  0.97182340 -4.54317  
23 'helical symmetry operation' ?     ?     0.12127828  0.98013827  -0.15690939 -26.14645 -0.99259852 0.12075517  -0.01289841 4.83832  0.00630540  0.15731233  0.98752877 1.48502   
24 'helical symmetry operation' ?     ?     -0.10659904 -0.99421417 -0.01322253 4.90198   0.97852262  -0.10725781 0.17603763  29.32910 -0.17643733 0.00582689  0.98429463 2.13768   
25 'helical symmetry operation' ?     ?     -0.95916474 0.21254246  -0.18662446 -24.80824 -0.24032337 -0.96033106 0.14145293  31.35634 -0.14915651 0.18052689  0.97219462 3.54778   
26 'helical symmetry operation' ?     ?     0.97384398  -0.22661836 0.01649254  2.85921   0.22624747  0.97382841  0.02168629  3.48668  -0.02097541 -0.01738767 0.99962878 8.24078   
27 'helical symmetry operation' ?     ?     -0.32847193 -0.94380680 -0.03653653 1.02172   0.92496910  -0.32926278 0.18978458  33.20362 -0.19115009 0.02854375  0.98114571 9.76487   
28 'helical symmetry operation' ?     ?     0.34315117  0.92973090  -0.13359540 -23.67531 -0.93904500 0.34276014  -0.02664536 2.31501  0.02101817  0.13459548  0.99067769 10.18955  
29 'helical symmetry operation' ?     ?     0.89675435  -0.44166510 0.02763306  4.98940   0.44020108  0.89669288  0.04652836  7.70772  -0.04532832 -0.02956040 0.99853469 16.35789  
30 'helical symmetry operation' ?     ?     -0.88207510 0.42758920  -0.19776499 -28.34756 -0.45427698 -0.88319553 0.11661087  28.48652 -0.12480361 0.19269963  0.97328871 11.76239  
31 'helical symmetry operation' ?     ?     0.54732719  0.82995693  -0.10772396 -20.55342 -0.83637582 0.54705771  -0.03468950 0.60560  0.03014043  0.10908422  0.99357546 18.88289  
32 'helical symmetry operation' ?     ?     -0.53264795 -0.84403283 -0.06240797 -3.50930  0.82229992  -0.53356035 0.19782873  36.26424 -0.20027236 0.05405500  0.97824794 17.40326  
33 'helical symmetry operation' ?     ?     -0.75811436 0.61973161  -0.20296641 -31.00846 -0.64466163 -0.75916098 0.08992217  25.06918 -0.09835657 0.19901594  0.97504802 20.09809  
34 'helical symmetry operation' ?     ?     0.77279360  -0.63380751 0.03283448  6.24118   0.63058573  0.77265834  0.07321706  12.47626 -0.07177536 -0.03587672 0.99677538 24.35392  
35 'helical symmetry operation' ?     ?     -0.70836726 -0.70015021 -0.08947346 -8.48942  0.67592560  -0.70938427 0.19974616  38.38527 -0.20332338 0.08101624  0.97575405 25.08063  
36 'helical symmetry operation' ?     ?     0.72304650  0.68607431  -0.08065847 -16.98243 -0.69000151 0.72288163  -0.03660693 -0.16422 0.03319145  0.08212298  0.99606935 27.53724  
37 'helical symmetry operation' ?     ?     0.60849434  -0.79291990 0.03182269  6.51145   0.78736836  0.60826127  0.10034593  17.57662 -0.09892279 -0.03600375 0.99444357 32.23781  
38 'helical symmetry operation' ?     ?     -0.59381510 0.77884400  -0.20195462 -32.68786 -0.80144426 -0.59476391 0.06279330  21.32003 -0.07120914 0.19914297  0.97737983 28.54593  
39 'helical symmetry operation' ?     ?     0.86104892  0.50566551  -0.05382525 -13.18765 -0.50763583 0.86096620  -0.03229660 0.08171  0.03001045  0.05513258  0.99802794 36.12687  
40 'helical symmetry operation' ?     ?     -0.84636968 -0.51974141 -0.11630667 -13.69332 0.49355993  -0.84746884 0.19543583  39.49055 -0.20014237 0.10800664  0.97379546 32.82274  
# 
_struct_conf.conf_type_id            HELX_P 
_struct_conf.id                      HELX_P1 
_struct_conf.pdbx_PDB_helix_id       AA1 
_struct_conf.beg_label_comp_id       GLN 
_struct_conf.beg_label_asym_id       A 
_struct_conf.beg_label_seq_id        1 
_struct_conf.pdbx_beg_PDB_ins_code   ? 
_struct_conf.end_label_comp_id       GLN 
_struct_conf.end_label_asym_id       A 
_struct_conf.end_label_seq_id        29 
_struct_conf.pdbx_end_PDB_ins_code   ? 
_struct_conf.beg_auth_comp_id        GLN 
_struct_conf.beg_auth_asym_id        A 
_struct_conf.beg_auth_seq_id         1 
_struct_conf.end_auth_comp_id        GLN 
_struct_conf.end_auth_asym_id        A 
_struct_conf.end_auth_seq_id         29 
_struct_conf.pdbx_PDB_helix_class    1 
_struct_conf.details                 ? 
_struct_conf.pdbx_PDB_helix_length   29 
# 
_struct_conf_type.id          HELX_P 
_struct_conf_type.criteria    ? 
_struct_conf_type.reference   ? 
# 
_pdbx_entry_details.entry_id                   7RX5 
_pdbx_entry_details.compound_details           ? 
_pdbx_entry_details.source_details             ? 
_pdbx_entry_details.nonpolymer_details         ? 
_pdbx_entry_details.sequence_details           ? 
_pdbx_entry_details.has_ligand_of_interest     ? 
_pdbx_entry_details.has_protein_modification   N 
# 
_pdbx_helical_symmetry.entry_id                  7RX5 
_pdbx_helical_symmetry.number_of_operations      40 
_pdbx_helical_symmetry.rotation_per_n_subunits   -83.409000 
_pdbx_helical_symmetry.rise_per_n_subunits       4.112000 
_pdbx_helical_symmetry.n_subunits_divisor        1 
_pdbx_helical_symmetry.dyad_axis                 no 
_pdbx_helical_symmetry.circular_symmetry         2 
# 
_em_3d_fitting.entry_id          7RX5 
_em_3d_fitting.id                1 
_em_3d_fitting.details           ? 
_em_3d_fitting.overall_b_value   ? 
_em_3d_fitting.ref_protocol      ? 
_em_3d_fitting.ref_space         ? 
_em_3d_fitting.target_criteria   ? 
_em_3d_fitting.method            ? 
# 
_em_3d_reconstruction.entry_id                    7RX5 
_em_3d_reconstruction.id                          1 
_em_3d_reconstruction.algorithm                   ? 
_em_3d_reconstruction.details                     ? 
_em_3d_reconstruction.refinement_type             ? 
_em_3d_reconstruction.image_processing_id         1 
_em_3d_reconstruction.num_class_averages          ? 
_em_3d_reconstruction.num_particles               1000000 
_em_3d_reconstruction.resolution                  3.4 
_em_3d_reconstruction.resolution_method           'FSC 0.143 CUT-OFF' 
_em_3d_reconstruction.symmetry_type               HELICAL 
_em_3d_reconstruction.method                      ? 
_em_3d_reconstruction.nominal_pixel_size          ? 
_em_3d_reconstruction.actual_pixel_size           ? 
_em_3d_reconstruction.magnification_calibration   ? 
# 
_em_buffer.id            1 
_em_buffer.details       ? 
_em_buffer.pH            4 
_em_buffer.specimen_id   1 
_em_buffer.name          ? 
# 
_em_entity_assembly.id                   1 
_em_entity_assembly.parent_id            0 
_em_entity_assembly.details              ? 
_em_entity_assembly.name                 'F1-N2 nanotube' 
_em_entity_assembly.source               NATURAL 
_em_entity_assembly.type                 COMPLEX 
_em_entity_assembly.entity_id_list       1 
_em_entity_assembly.synonym              ? 
_em_entity_assembly.oligomeric_details   ? 
# 
_em_imaging.id                              1 
_em_imaging.entry_id                        7RX5 
_em_imaging.accelerating_voltage            300 
_em_imaging.alignment_procedure             ? 
_em_imaging.c2_aperture_diameter            ? 
_em_imaging.calibrated_defocus_max          ? 
_em_imaging.calibrated_defocus_min          ? 
_em_imaging.calibrated_magnification        ? 
_em_imaging.cryogen                         ? 
_em_imaging.details                         ? 
_em_imaging.electron_source                 'FIELD EMISSION GUN' 
_em_imaging.illumination_mode               'FLOOD BEAM' 
_em_imaging.microscope_model                'FEI TITAN KRIOS' 
_em_imaging.mode                            'BRIGHT FIELD' 
_em_imaging.nominal_cs                      ? 
_em_imaging.nominal_defocus_max             ? 
_em_imaging.nominal_defocus_min             ? 
_em_imaging.nominal_magnification           ? 
_em_imaging.recording_temperature_maximum   ? 
_em_imaging.recording_temperature_minimum   ? 
_em_imaging.residual_tilt                   ? 
_em_imaging.specimen_holder_model           ? 
_em_imaging.specimen_id                     1 
_em_imaging.citation_id                     ? 
_em_imaging.date                            ? 
_em_imaging.temperature                     ? 
_em_imaging.tilt_angle_min                  ? 
_em_imaging.tilt_angle_max                  ? 
_em_imaging.astigmatism                     ? 
_em_imaging.detector_distance               ? 
_em_imaging.electron_beam_tilt_params       ? 
_em_imaging.specimen_holder_type            ? 
# 
_em_vitrification.id                    1 
_em_vitrification.specimen_id           1 
_em_vitrification.chamber_temperature   ? 
_em_vitrification.cryogen_name          ETHANE 
_em_vitrification.details               ? 
_em_vitrification.humidity              ? 
_em_vitrification.instrument            ? 
_em_vitrification.entry_id              7RX5 
_em_vitrification.citation_id           ? 
_em_vitrification.method                ? 
_em_vitrification.temp                  ? 
_em_vitrification.time_resolved_state   ? 
# 
_em_experiment.entry_id                7RX5 
_em_experiment.id                      1 
_em_experiment.aggregation_state       FILAMENT 
_em_experiment.reconstruction_method   HELICAL 
_em_experiment.entity_assembly_id      1 
# 
loop_
_chem_comp_atom.comp_id 
_chem_comp_atom.atom_id 
_chem_comp_atom.type_symbol 
_chem_comp_atom.pdbx_aromatic_flag 
_chem_comp_atom.pdbx_stereo_config 
_chem_comp_atom.pdbx_ordinal 
ALA N    N N N 1   
ALA CA   C N S 2   
ALA C    C N N 3   
ALA O    O N N 4   
ALA CB   C N N 5   
ALA OXT  O N N 6   
ALA H    H N N 7   
ALA H2   H N N 8   
ALA HA   H N N 9   
ALA HB1  H N N 10  
ALA HB2  H N N 11  
ALA HB3  H N N 12  
ALA HXT  H N N 13  
ARG N    N N N 14  
ARG CA   C N S 15  
ARG C    C N N 16  
ARG O    O N N 17  
ARG CB   C N N 18  
ARG CG   C N N 19  
ARG CD   C N N 20  
ARG NE   N N N 21  
ARG CZ   C N N 22  
ARG NH1  N N N 23  
ARG NH2  N N N 24  
ARG OXT  O N N 25  
ARG H    H N N 26  
ARG H2   H N N 27  
ARG HA   H N N 28  
ARG HB2  H N N 29  
ARG HB3  H N N 30  
ARG HG2  H N N 31  
ARG HG3  H N N 32  
ARG HD2  H N N 33  
ARG HD3  H N N 34  
ARG HE   H N N 35  
ARG HH11 H N N 36  
ARG HH12 H N N 37  
ARG HH21 H N N 38  
ARG HH22 H N N 39  
ARG HXT  H N N 40  
ASN N    N N N 41  
ASN CA   C N S 42  
ASN C    C N N 43  
ASN O    O N N 44  
ASN CB   C N N 45  
ASN CG   C N N 46  
ASN OD1  O N N 47  
ASN ND2  N N N 48  
ASN OXT  O N N 49  
ASN H    H N N 50  
ASN H2   H N N 51  
ASN HA   H N N 52  
ASN HB2  H N N 53  
ASN HB3  H N N 54  
ASN HD21 H N N 55  
ASN HD22 H N N 56  
ASN HXT  H N N 57  
ASP N    N N N 58  
ASP CA   C N S 59  
ASP C    C N N 60  
ASP O    O N N 61  
ASP CB   C N N 62  
ASP CG   C N N 63  
ASP OD1  O N N 64  
ASP OD2  O N N 65  
ASP OXT  O N N 66  
ASP H    H N N 67  
ASP H2   H N N 68  
ASP HA   H N N 69  
ASP HB2  H N N 70  
ASP HB3  H N N 71  
ASP HD2  H N N 72  
ASP HXT  H N N 73  
GLN N    N N N 74  
GLN CA   C N S 75  
GLN C    C N N 76  
GLN O    O N N 77  
GLN CB   C N N 78  
GLN CG   C N N 79  
GLN CD   C N N 80  
GLN OE1  O N N 81  
GLN NE2  N N N 82  
GLN OXT  O N N 83  
GLN H    H N N 84  
GLN H2   H N N 85  
GLN HA   H N N 86  
GLN HB2  H N N 87  
GLN HB3  H N N 88  
GLN HG2  H N N 89  
GLN HG3  H N N 90  
GLN HE21 H N N 91  
GLN HE22 H N N 92  
GLN HXT  H N N 93  
GLU N    N N N 94  
GLU CA   C N S 95  
GLU C    C N N 96  
GLU O    O N N 97  
GLU CB   C N N 98  
GLU CG   C N N 99  
GLU CD   C N N 100 
GLU OE1  O N N 101 
GLU OE2  O N N 102 
GLU OXT  O N N 103 
GLU H    H N N 104 
GLU H2   H N N 105 
GLU HA   H N N 106 
GLU HB2  H N N 107 
GLU HB3  H N N 108 
GLU HG2  H N N 109 
GLU HG3  H N N 110 
GLU HE2  H N N 111 
GLU HXT  H N N 112 
HIS N    N N N 113 
HIS CA   C N S 114 
HIS C    C N N 115 
HIS O    O N N 116 
HIS CB   C N N 117 
HIS CG   C Y N 118 
HIS ND1  N Y N 119 
HIS CD2  C Y N 120 
HIS CE1  C Y N 121 
HIS NE2  N Y N 122 
HIS OXT  O N N 123 
HIS H    H N N 124 
HIS H2   H N N 125 
HIS HA   H N N 126 
HIS HB2  H N N 127 
HIS HB3  H N N 128 
HIS HD1  H N N 129 
HIS HD2  H N N 130 
HIS HE1  H N N 131 
HIS HE2  H N N 132 
HIS HXT  H N N 133 
ILE N    N N N 134 
ILE CA   C N S 135 
ILE C    C N N 136 
ILE O    O N N 137 
ILE CB   C N S 138 
ILE CG1  C N N 139 
ILE CG2  C N N 140 
ILE CD1  C N N 141 
ILE OXT  O N N 142 
ILE H    H N N 143 
ILE H2   H N N 144 
ILE HA   H N N 145 
ILE HB   H N N 146 
ILE HG12 H N N 147 
ILE HG13 H N N 148 
ILE HG21 H N N 149 
ILE HG22 H N N 150 
ILE HG23 H N N 151 
ILE HD11 H N N 152 
ILE HD12 H N N 153 
ILE HD13 H N N 154 
ILE HXT  H N N 155 
LEU N    N N N 156 
LEU CA   C N S 157 
LEU C    C N N 158 
LEU O    O N N 159 
LEU CB   C N N 160 
LEU CG   C N N 161 
LEU CD1  C N N 162 
LEU CD2  C N N 163 
LEU OXT  O N N 164 
LEU H    H N N 165 
LEU H2   H N N 166 
LEU HA   H N N 167 
LEU HB2  H N N 168 
LEU HB3  H N N 169 
LEU HG   H N N 170 
LEU HD11 H N N 171 
LEU HD12 H N N 172 
LEU HD13 H N N 173 
LEU HD21 H N N 174 
LEU HD22 H N N 175 
LEU HD23 H N N 176 
LEU HXT  H N N 177 
LYS N    N N N 178 
LYS CA   C N S 179 
LYS C    C N N 180 
LYS O    O N N 181 
LYS CB   C N N 182 
LYS CG   C N N 183 
LYS CD   C N N 184 
LYS CE   C N N 185 
LYS NZ   N N N 186 
LYS OXT  O N N 187 
LYS H    H N N 188 
LYS H2   H N N 189 
LYS HA   H N N 190 
LYS HB2  H N N 191 
LYS HB3  H N N 192 
LYS HG2  H N N 193 
LYS HG3  H N N 194 
LYS HD2  H N N 195 
LYS HD3  H N N 196 
LYS HE2  H N N 197 
LYS HE3  H N N 198 
LYS HZ1  H N N 199 
LYS HZ2  H N N 200 
LYS HZ3  H N N 201 
LYS HXT  H N N 202 
TYR N    N N N 203 
TYR CA   C N S 204 
TYR C    C N N 205 
TYR O    O N N 206 
TYR CB   C N N 207 
TYR CG   C Y N 208 
TYR CD1  C Y N 209 
TYR CD2  C Y N 210 
TYR CE1  C Y N 211 
TYR CE2  C Y N 212 
TYR CZ   C Y N 213 
TYR OH   O N N 214 
TYR OXT  O N N 215 
TYR H    H N N 216 
TYR H2   H N N 217 
TYR HA   H N N 218 
TYR HB2  H N N 219 
TYR HB3  H N N 220 
TYR HD1  H N N 221 
TYR HD2  H N N 222 
TYR HE1  H N N 223 
TYR HE2  H N N 224 
TYR HH   H N N 225 
TYR HXT  H N N 226 
# 
loop_
_chem_comp_bond.comp_id 
_chem_comp_bond.atom_id_1 
_chem_comp_bond.atom_id_2 
_chem_comp_bond.value_order 
_chem_comp_bond.pdbx_aromatic_flag 
_chem_comp_bond.pdbx_stereo_config 
_chem_comp_bond.pdbx_ordinal 
ALA N   CA   sing N N 1   
ALA N   H    sing N N 2   
ALA N   H2   sing N N 3   
ALA CA  C    sing N N 4   
ALA CA  CB   sing N N 5   
ALA CA  HA   sing N N 6   
ALA C   O    doub N N 7   
ALA C   OXT  sing N N 8   
ALA CB  HB1  sing N N 9   
ALA CB  HB2  sing N N 10  
ALA CB  HB3  sing N N 11  
ALA OXT HXT  sing N N 12  
ARG N   CA   sing N N 13  
ARG N   H    sing N N 14  
ARG N   H2   sing N N 15  
ARG CA  C    sing N N 16  
ARG CA  CB   sing N N 17  
ARG CA  HA   sing N N 18  
ARG C   O    doub N N 19  
ARG C   OXT  sing N N 20  
ARG CB  CG   sing N N 21  
ARG CB  HB2  sing N N 22  
ARG CB  HB3  sing N N 23  
ARG CG  CD   sing N N 24  
ARG CG  HG2  sing N N 25  
ARG CG  HG3  sing N N 26  
ARG CD  NE   sing N N 27  
ARG CD  HD2  sing N N 28  
ARG CD  HD3  sing N N 29  
ARG NE  CZ   sing N N 30  
ARG NE  HE   sing N N 31  
ARG CZ  NH1  sing N N 32  
ARG CZ  NH2  doub N N 33  
ARG NH1 HH11 sing N N 34  
ARG NH1 HH12 sing N N 35  
ARG NH2 HH21 sing N N 36  
ARG NH2 HH22 sing N N 37  
ARG OXT HXT  sing N N 38  
ASN N   CA   sing N N 39  
ASN N   H    sing N N 40  
ASN N   H2   sing N N 41  
ASN CA  C    sing N N 42  
ASN CA  CB   sing N N 43  
ASN CA  HA   sing N N 44  
ASN C   O    doub N N 45  
ASN C   OXT  sing N N 46  
ASN CB  CG   sing N N 47  
ASN CB  HB2  sing N N 48  
ASN CB  HB3  sing N N 49  
ASN CG  OD1  doub N N 50  
ASN CG  ND2  sing N N 51  
ASN ND2 HD21 sing N N 52  
ASN ND2 HD22 sing N N 53  
ASN OXT HXT  sing N N 54  
ASP N   CA   sing N N 55  
ASP N   H    sing N N 56  
ASP N   H2   sing N N 57  
ASP CA  C    sing N N 58  
ASP CA  CB   sing N N 59  
ASP CA  HA   sing N N 60  
ASP C   O    doub N N 61  
ASP C   OXT  sing N N 62  
ASP CB  CG   sing N N 63  
ASP CB  HB2  sing N N 64  
ASP CB  HB3  sing N N 65  
ASP CG  OD1  doub N N 66  
ASP CG  OD2  sing N N 67  
ASP OD2 HD2  sing N N 68  
ASP OXT HXT  sing N N 69  
GLN N   CA   sing N N 70  
GLN N   H    sing N N 71  
GLN N   H2   sing N N 72  
GLN CA  C    sing N N 73  
GLN CA  CB   sing N N 74  
GLN CA  HA   sing N N 75  
GLN C   O    doub N N 76  
GLN C   OXT  sing N N 77  
GLN CB  CG   sing N N 78  
GLN CB  HB2  sing N N 79  
GLN CB  HB3  sing N N 80  
GLN CG  CD   sing N N 81  
GLN CG  HG2  sing N N 82  
GLN CG  HG3  sing N N 83  
GLN CD  OE1  doub N N 84  
GLN CD  NE2  sing N N 85  
GLN NE2 HE21 sing N N 86  
GLN NE2 HE22 sing N N 87  
GLN OXT HXT  sing N N 88  
GLU N   CA   sing N N 89  
GLU N   H    sing N N 90  
GLU N   H2   sing N N 91  
GLU CA  C    sing N N 92  
GLU CA  CB   sing N N 93  
GLU CA  HA   sing N N 94  
GLU C   O    doub N N 95  
GLU C   OXT  sing N N 96  
GLU CB  CG   sing N N 97  
GLU CB  HB2  sing N N 98  
GLU CB  HB3  sing N N 99  
GLU CG  CD   sing N N 100 
GLU CG  HG2  sing N N 101 
GLU CG  HG3  sing N N 102 
GLU CD  OE1  doub N N 103 
GLU CD  OE2  sing N N 104 
GLU OE2 HE2  sing N N 105 
GLU OXT HXT  sing N N 106 
HIS N   CA   sing N N 107 
HIS N   H    sing N N 108 
HIS N   H2   sing N N 109 
HIS CA  C    sing N N 110 
HIS CA  CB   sing N N 111 
HIS CA  HA   sing N N 112 
HIS C   O    doub N N 113 
HIS C   OXT  sing N N 114 
HIS CB  CG   sing N N 115 
HIS CB  HB2  sing N N 116 
HIS CB  HB3  sing N N 117 
HIS CG  ND1  sing Y N 118 
HIS CG  CD2  doub Y N 119 
HIS ND1 CE1  doub Y N 120 
HIS ND1 HD1  sing N N 121 
HIS CD2 NE2  sing Y N 122 
HIS CD2 HD2  sing N N 123 
HIS CE1 NE2  sing Y N 124 
HIS CE1 HE1  sing N N 125 
HIS NE2 HE2  sing N N 126 
HIS OXT HXT  sing N N 127 
ILE N   CA   sing N N 128 
ILE N   H    sing N N 129 
ILE N   H2   sing N N 130 
ILE CA  C    sing N N 131 
ILE CA  CB   sing N N 132 
ILE CA  HA   sing N N 133 
ILE C   O    doub N N 134 
ILE C   OXT  sing N N 135 
ILE CB  CG1  sing N N 136 
ILE CB  CG2  sing N N 137 
ILE CB  HB   sing N N 138 
ILE CG1 CD1  sing N N 139 
ILE CG1 HG12 sing N N 140 
ILE CG1 HG13 sing N N 141 
ILE CG2 HG21 sing N N 142 
ILE CG2 HG22 sing N N 143 
ILE CG2 HG23 sing N N 144 
ILE CD1 HD11 sing N N 145 
ILE CD1 HD12 sing N N 146 
ILE CD1 HD13 sing N N 147 
ILE OXT HXT  sing N N 148 
LEU N   CA   sing N N 149 
LEU N   H    sing N N 150 
LEU N   H2   sing N N 151 
LEU CA  C    sing N N 152 
LEU CA  CB   sing N N 153 
LEU CA  HA   sing N N 154 
LEU C   O    doub N N 155 
LEU C   OXT  sing N N 156 
LEU CB  CG   sing N N 157 
LEU CB  HB2  sing N N 158 
LEU CB  HB3  sing N N 159 
LEU CG  CD1  sing N N 160 
LEU CG  CD2  sing N N 161 
LEU CG  HG   sing N N 162 
LEU CD1 HD11 sing N N 163 
LEU CD1 HD12 sing N N 164 
LEU CD1 HD13 sing N N 165 
LEU CD2 HD21 sing N N 166 
LEU CD2 HD22 sing N N 167 
LEU CD2 HD23 sing N N 168 
LEU OXT HXT  sing N N 169 
LYS N   CA   sing N N 170 
LYS N   H    sing N N 171 
LYS N   H2   sing N N 172 
LYS CA  C    sing N N 173 
LYS CA  CB   sing N N 174 
LYS CA  HA   sing N N 175 
LYS C   O    doub N N 176 
LYS C   OXT  sing N N 177 
LYS CB  CG   sing N N 178 
LYS CB  HB2  sing N N 179 
LYS CB  HB3  sing N N 180 
LYS CG  CD   sing N N 181 
LYS CG  HG2  sing N N 182 
LYS CG  HG3  sing N N 183 
LYS CD  CE   sing N N 184 
LYS CD  HD2  sing N N 185 
LYS CD  HD3  sing N N 186 
LYS CE  NZ   sing N N 187 
LYS CE  HE2  sing N N 188 
LYS CE  HE3  sing N N 189 
LYS NZ  HZ1  sing N N 190 
LYS NZ  HZ2  sing N N 191 
LYS NZ  HZ3  sing N N 192 
LYS OXT HXT  sing N N 193 
TYR N   CA   sing N N 194 
TYR N   H    sing N N 195 
TYR N   H2   sing N N 196 
TYR CA  C    sing N N 197 
TYR CA  CB   sing N N 198 
TYR CA  HA   sing N N 199 
TYR C   O    doub N N 200 
TYR C   OXT  sing N N 201 
TYR CB  CG   sing N N 202 
TYR CB  HB2  sing N N 203 
TYR CB  HB3  sing N N 204 
TYR CG  CD1  doub Y N 205 
TYR CG  CD2  sing Y N 206 
TYR CD1 CE1  sing Y N 207 
TYR CD1 HD1  sing N N 208 
TYR CD2 CE2  doub Y N 209 
TYR CD2 HD2  sing N N 210 
TYR CE1 CZ   doub Y N 211 
TYR CE1 HE1  sing N N 212 
TYR CE2 CZ   sing Y N 213 
TYR CE2 HE2  sing N N 214 
TYR CZ  OH   sing N N 215 
TYR OH  HH   sing N N 216 
TYR OXT HXT  sing N N 217 
# 
_em_admin.entry_id           7RX5 
_em_admin.current_status     REL 
_em_admin.deposition_date    2021-08-21 
_em_admin.deposition_site    RCSB 
_em_admin.last_update        2025-05-14 
_em_admin.map_release_date   2021-09-08 
_em_admin.title              'Cryo-EM reconstruction of Form1-N2 nanotube (Form I like)' 
# 
_em_ctf_correction.id                       1 
_em_ctf_correction.em_image_processing_id   1 
_em_ctf_correction.type                     'PHASE FLIPPING AND AMPLITUDE CORRECTION' 
_em_ctf_correction.details                  ? 
# 
_em_entity_assembly_naturalsource.id                   2 
_em_entity_assembly_naturalsource.entity_assembly_id   1 
_em_entity_assembly_naturalsource.cell                 ? 
_em_entity_assembly_naturalsource.cellular_location    ? 
_em_entity_assembly_naturalsource.ncbi_tax_id          32630 
_em_entity_assembly_naturalsource.organ                ? 
_em_entity_assembly_naturalsource.organelle            ? 
_em_entity_assembly_naturalsource.organism             'Synthetic construct' 
_em_entity_assembly_naturalsource.strain               ? 
_em_entity_assembly_naturalsource.tissue               ? 
# 
_em_helical_entity.id                             1 
_em_helical_entity.image_processing_id            1 
_em_helical_entity.angular_rotation_per_subunit   -83.409 
_em_helical_entity.axial_rise_per_subunit         4.112 
_em_helical_entity.axial_symmetry                 C2 
_em_helical_entity.details                        ? 
# 
_em_image_processing.id                   1 
_em_image_processing.image_recording_id   1 
_em_image_processing.details              ? 
# 
_em_image_recording.id                            1 
_em_image_recording.imaging_id                    1 
_em_image_recording.avg_electron_dose_per_image   50 
_em_image_recording.average_exposure_time         ? 
_em_image_recording.details                       ? 
_em_image_recording.detector_mode                 ? 
_em_image_recording.film_or_detector_model        'GATAN K3 (6k x 4k)' 
_em_image_recording.num_diffraction_images        ? 
_em_image_recording.num_grids_imaged              ? 
_em_image_recording.num_real_images               ? 
# 
loop_
_em_software.id 
_em_software.category 
_em_software.details 
_em_software.name 
_em_software.version 
_em_software.image_processing_id 
_em_software.fitting_id 
_em_software.imaging_id 
1  'PARTICLE SELECTION'       ? ?      ? 1 ? ? 
2  'IMAGE ACQUISITION'        ? ?      ? ? ? 1 
3  MASKING                    ? ?      ? ? ? ? 
4  'CTF CORRECTION'           ? ?      ? 1 ? ? 
5  'LAYERLINE INDEXING'       ? ?      ? ? ? ? 
6  'DIFFRACTION INDEXING'     ? ?      ? ? ? ? 
7  'MODEL FITTING'            ? ?      ? ? ? ? 
8  'MODEL REFINEMENT'         ? PHENIX ? ? ? ? 
9  OTHER                      ? ?      ? ? ? ? 
10 'INITIAL EULER ASSIGNMENT' ? ?      ? 1 ? ? 
11 'FINAL EULER ASSIGNMENT'   ? ?      ? 1 ? ? 
12 CLASSIFICATION             ? ?      ? 1 ? ? 
13 RECONSTRUCTION             ? ?      ? 1 ? ? 
# 
_em_specimen.id                      1 
_em_specimen.experiment_id           1 
_em_specimen.concentration           ? 
_em_specimen.details                 ? 
_em_specimen.embedding_applied       NO 
_em_specimen.shadowing_applied       NO 
_em_specimen.staining_applied        NO 
_em_specimen.vitrification_applied   YES 
# 
loop_
_pdbx_audit_support.funding_organization 
_pdbx_audit_support.country 
_pdbx_audit_support.grant_number 
_pdbx_audit_support.ordinal 
'National Science Foundation (NSF, United States)'                                         'United States' NSF-DMR-1533958 1 
'National Institutes of Health/National Institute of General Medical Sciences (NIH/NIGMS)' 'United States' R35GM122510     2 
'National Institutes of Health/National Institute of General Medical Sciences (NIH/NIGMS)' 'United States' K99GM138756     3 
# 
_atom_sites.entry_id                    7RX5 
_atom_sites.Cartn_transf_matrix[1][1]   ? 
_atom_sites.Cartn_transf_matrix[1][2]   ? 
_atom_sites.Cartn_transf_matrix[1][3]   ? 
_atom_sites.Cartn_transf_matrix[2][1]   ? 
_atom_sites.Cartn_transf_matrix[2][2]   ? 
_atom_sites.Cartn_transf_matrix[2][3]   ? 
_atom_sites.Cartn_transf_matrix[3][1]   ? 
_atom_sites.Cartn_transf_matrix[3][2]   ? 
_atom_sites.Cartn_transf_matrix[3][3]   ? 
_atom_sites.Cartn_transf_vector[1]      ? 
_atom_sites.Cartn_transf_vector[2]      ? 
_atom_sites.Cartn_transf_vector[3]      ? 
_atom_sites.fract_transf_matrix[1][1]   1.000000 
_atom_sites.fract_transf_matrix[1][2]   0.000000 
_atom_sites.fract_transf_matrix[1][3]   0.000000 
_atom_sites.fract_transf_matrix[2][1]   0.000000 
_atom_sites.fract_transf_matrix[2][2]   1.000000 
_atom_sites.fract_transf_matrix[2][3]   0.000000 
_atom_sites.fract_transf_matrix[3][1]   0.000000 
_atom_sites.fract_transf_matrix[3][2]   0.000000 
_atom_sites.fract_transf_matrix[3][3]   1.000000 
_atom_sites.fract_transf_vector[1]      0.00000 
_atom_sites.fract_transf_vector[2]      0.00000 
_atom_sites.fract_transf_vector[3]      0.00000 
_atom_sites.solution_primary            ? 
_atom_sites.solution_secondary          ? 
_atom_sites.solution_hydrogens          ? 
_atom_sites.special_details             ? 
# 
loop_
_atom_type.symbol 
C 
N 
O 
# 
loop_
_atom_site.group_PDB 
_atom_site.id 
_atom_site.type_symbol 
_atom_site.label_atom_id 
_atom_site.label_alt_id 
_atom_site.label_comp_id 
_atom_site.label_asym_id 
_atom_site.label_entity_id 
_atom_site.label_seq_id 
_atom_site.pdbx_PDB_ins_code 
_atom_site.Cartn_x 
_atom_site.Cartn_y 
_atom_site.Cartn_z 
_atom_site.occupancy 
_atom_site.B_iso_or_equiv 
_atom_site.pdbx_formal_charge 
_atom_site.auth_seq_id 
_atom_site.auth_comp_id 
_atom_site.auth_asym_id 
_atom_site.auth_atom_id 
_atom_site.pdbx_PDB_model_num 
ATOM 1   N N   . GLN A 1 1  ? 21.485  -3.229 3.940  1.00 58.65 ? 1  GLN A N   1 
ATOM 2   C CA  . GLN A 1 1  ? 20.444  -3.055 4.945  1.00 58.65 ? 1  GLN A CA  1 
ATOM 3   C C   . GLN A 1 1  ? 19.396  -2.049 4.478  1.00 58.65 ? 1  GLN A C   1 
ATOM 4   O O   . GLN A 1 1  ? 18.202  -2.347 4.465  1.00 58.65 ? 1  GLN A O   1 
ATOM 5   C CB  . GLN A 1 1  ? 21.052  -2.602 6.274  1.00 58.65 ? 1  GLN A CB  1 
ATOM 6   C CG  . GLN A 1 1  ? 20.034  -2.363 7.381  1.00 58.65 ? 1  GLN A CG  1 
ATOM 7   C CD  . GLN A 1 1  ? 19.395  -3.645 7.884  1.00 58.65 ? 1  GLN A CD  1 
ATOM 8   O OE1 . GLN A 1 1  ? 19.851  -4.746 7.574  1.00 58.65 ? 1  GLN A OE1 1 
ATOM 9   N NE2 . GLN A 1 1  ? 18.331  -3.506 8.667  1.00 58.65 ? 1  GLN A NE2 1 
ATOM 10  N N   . ALA A 1 2  ? 19.854  -0.855 4.097  1.00 54.41 ? 2  ALA A N   1 
ATOM 11  C CA  . ALA A 1 2  ? 18.931  0.170  3.620  1.00 54.41 ? 2  ALA A CA  1 
ATOM 12  C C   . ALA A 1 2  ? 18.305  -0.224 2.288  1.00 54.41 ? 2  ALA A C   1 
ATOM 13  O O   . ALA A 1 2  ? 17.145  0.112  2.017  1.00 54.41 ? 2  ALA A O   1 
ATOM 14  C CB  . ALA A 1 2  ? 19.653  1.511  3.499  1.00 54.41 ? 2  ALA A CB  1 
ATOM 15  N N   . GLU A 1 3  ? 19.055  -0.935 1.444  1.00 56.11 ? 3  GLU A N   1 
ATOM 16  C CA  . GLU A 1 3  ? 18.529  -1.368 0.154  1.00 56.11 ? 3  GLU A CA  1 
ATOM 17  C C   . GLU A 1 3  ? 17.384  -2.362 0.300  1.00 56.11 ? 3  GLU A C   1 
ATOM 18  O O   . GLU A 1 3  ? 16.608  -2.536 -0.645 1.00 56.11 ? 3  GLU A O   1 
ATOM 19  C CB  . GLU A 1 3  ? 19.648  -1.978 -0.693 1.00 56.11 ? 3  GLU A CB  1 
ATOM 20  C CG  . GLU A 1 3  ? 20.021  -3.403 -0.307 1.00 56.11 ? 3  GLU A CG  1 
ATOM 21  C CD  . GLU A 1 3  ? 21.118  -3.459 0.740  1.00 56.11 ? 3  GLU A CD  1 
ATOM 22  O OE1 . GLU A 1 3  ? 21.414  -2.412 1.351  1.00 56.11 ? 3  GLU A OE1 1 
ATOM 23  O OE2 . GLU A 1 3  ? 21.682  -4.553 0.953  1.00 56.11 ? 3  GLU A OE2 1 
ATOM 24  N N   . ILE A 1 4  ? 17.264  -3.015 1.452  1.00 51.97 ? 4  ILE A N   1 
ATOM 25  C CA  . ILE A 1 4  ? 16.138  -3.906 1.711  1.00 51.97 ? 4  ILE A CA  1 
ATOM 26  C C   . ILE A 1 4  ? 15.003  -3.166 2.406  1.00 51.97 ? 4  ILE A C   1 
ATOM 27  O O   . ILE A 1 4  ? 13.826  -3.435 2.147  1.00 51.97 ? 4  ILE A O   1 
ATOM 28  C CB  . ILE A 1 4  ? 16.610  -5.121 2.535  1.00 51.97 ? 4  ILE A CB  1 
ATOM 29  C CG1 . ILE A 1 4  ? 17.762  -5.831 1.822  1.00 51.97 ? 4  ILE A CG1 1 
ATOM 30  C CG2 . ILE A 1 4  ? 15.458  -6.083 2.785  1.00 51.97 ? 4  ILE A CG2 1 
ATOM 31  C CD1 . ILE A 1 4  ? 17.328  -6.664 0.635  1.00 51.97 ? 4  ILE A CD1 1 
ATOM 32  N N   . LEU A 1 5  ? 15.339  -2.223 3.288  1.00 47.29 ? 5  LEU A N   1 
ATOM 33  C CA  . LEU A 1 5  ? 14.310  -1.442 3.965  1.00 47.29 ? 5  LEU A CA  1 
ATOM 34  C C   . LEU A 1 5  ? 13.551  -0.549 2.991  1.00 47.29 ? 5  LEU A C   1 
ATOM 35  O O   . LEU A 1 5  ? 12.340  -0.358 3.149  1.00 47.29 ? 5  LEU A O   1 
ATOM 36  C CB  . LEU A 1 5  ? 14.937  -0.610 5.084  1.00 47.29 ? 5  LEU A CB  1 
ATOM 37  C CG  . LEU A 1 5  ? 15.456  -1.416 6.277  1.00 47.29 ? 5  LEU A CG  1 
ATOM 38  C CD1 . LEU A 1 5  ? 16.399  -0.582 7.129  1.00 47.29 ? 5  LEU A CD1 1 
ATOM 39  C CD2 . LEU A 1 5  ? 14.304  -1.948 7.113  1.00 47.29 ? 5  LEU A CD2 1 
ATOM 40  N N   . LYS A 1 6  ? 14.233  -0.001 1.983  1.00 44.55 ? 6  LYS A N   1 
ATOM 41  C CA  . LYS A 1 6  ? 13.536  0.788  0.970  1.00 44.55 ? 6  LYS A CA  1 
ATOM 42  C C   . LYS A 1 6  ? 12.536  -0.064 0.198  1.00 44.55 ? 6  LYS A C   1 
ATOM 43  O O   . LYS A 1 6  ? 11.405  0.369  -0.059 1.00 44.55 ? 6  LYS A O   1 
ATOM 44  C CB  . LYS A 1 6  ? 14.543  1.428  0.015  1.00 44.55 ? 6  LYS A CB  1 
ATOM 45  C CG  . LYS A 1 6  ? 15.408  2.510  0.644  1.00 44.55 ? 6  LYS A CG  1 
ATOM 46  C CD  . LYS A 1 6  ? 14.600  3.408  1.565  1.00 44.55 ? 6  LYS A CD  1 
ATOM 47  C CE  . LYS A 1 6  ? 15.493  4.414  2.274  1.00 44.55 ? 6  LYS A CE  1 
ATOM 48  N NZ  . LYS A 1 6  ? 16.740  3.785  2.788  1.00 44.55 ? 6  LYS A NZ  1 
ATOM 49  N N   . ALA A 1 7  ? 12.933  -1.281 -0.179 1.00 41.00 ? 7  ALA A N   1 
ATOM 50  C CA  . ALA A 1 7  ? 12.016  -2.174 -0.879 1.00 41.00 ? 7  ALA A CA  1 
ATOM 51  C C   . ALA A 1 7  ? 10.846  -2.574 0.012  1.00 41.00 ? 7  ALA A C   1 
ATOM 52  O O   . ALA A 1 7  ? 9.704   -2.664 -0.457 1.00 41.00 ? 7  ALA A O   1 
ATOM 53  C CB  . ALA A 1 7  ? 12.763  -3.410 -1.376 1.00 41.00 ? 7  ALA A CB  1 
ATOM 54  N N   . ASP A 1 8  ? 11.110  -2.823 1.297  1.00 40.26 ? 8  ASP A N   1 
ATOM 55  C CA  . ASP A 1 8  ? 10.027  -3.143 2.222  1.00 40.26 ? 8  ASP A CA  1 
ATOM 56  C C   . ASP A 1 8  ? 9.050   -1.980 2.343  1.00 40.26 ? 8  ASP A C   1 
ATOM 57  O O   . ASP A 1 8  ? 7.831   -2.184 2.371  1.00 40.26 ? 8  ASP A O   1 
ATOM 58  C CB  . ASP A 1 8  ? 10.594  -3.509 3.593  1.00 40.26 ? 8  ASP A CB  1 
ATOM 59  C CG  . ASP A 1 8  ? 11.267  -4.867 3.600  1.00 40.26 ? 8  ASP A CG  1 
ATOM 60  O OD1 . ASP A 1 8  ? 10.801  -5.766 2.870  1.00 40.26 ? 8  ASP A OD1 1 
ATOM 61  O OD2 . ASP A 1 8  ? 12.261  -5.036 4.337  1.00 40.26 ? 8  ASP A OD2 1 
ATOM 62  N N   . ALA A 1 9  ? 9.570   -0.753 2.411  1.00 31.48 ? 9  ALA A N   1 
ATOM 63  C CA  . ALA A 1 9  ? 8.700   0.417  2.462  1.00 31.48 ? 9  ALA A CA  1 
ATOM 64  C C   . ALA A 1 9  ? 7.874   0.546  1.189  1.00 31.48 ? 9  ALA A C   1 
ATOM 65  O O   . ALA A 1 9  ? 6.688   0.890  1.244  1.00 31.48 ? 9  ALA A O   1 
ATOM 66  C CB  . ALA A 1 9  ? 9.528   1.679  2.695  1.00 31.48 ? 9  ALA A CB  1 
ATOM 67  N N   . GLU A 1 10 ? 8.482   0.281  0.031  1.00 28.67 ? 10 GLU A N   1 
ATOM 68  C CA  . GLU A 1 10 ? 7.738   0.363  -1.222 1.00 28.67 ? 10 GLU A CA  1 
ATOM 69  C C   . GLU A 1 10 ? 6.623   -0.676 -1.277 1.00 28.67 ? 10 GLU A C   1 
ATOM 70  O O   . GLU A 1 10 ? 5.506   -0.377 -1.717 1.00 28.67 ? 10 GLU A O   1 
ATOM 71  C CB  . GLU A 1 10 ? 8.684   0.199  -2.410 1.00 28.67 ? 10 GLU A CB  1 
ATOM 72  C CG  . GLU A 1 10 ? 8.003   0.341  -3.761 1.00 28.67 ? 10 GLU A CG  1 
ATOM 73  C CD  . GLU A 1 10 ? 8.967   0.182  -4.919 1.00 28.67 ? 10 GLU A CD  1 
ATOM 74  O OE1 . GLU A 1 10 ? 10.174  -0.009 -4.667 1.00 28.67 ? 10 GLU A OE1 1 
ATOM 75  O OE2 . GLU A 1 10 ? 8.515   0.249  -6.082 1.00 28.67 ? 10 GLU A OE2 1 
ATOM 76  N N   . ASN A 1 11 ? 6.906   -1.904 -0.836 1.00 30.57 ? 11 ASN A N   1 
ATOM 77  C CA  . ASN A 1 11 ? 5.864   -2.928 -0.803 1.00 30.57 ? 11 ASN A CA  1 
ATOM 78  C C   . ASN A 1 11 ? 4.757   -2.566 0.180  1.00 30.57 ? 11 ASN A C   1 
ATOM 79  O O   . ASN A 1 11 ? 3.572   -2.801 -0.094 1.00 30.57 ? 11 ASN A O   1 
ATOM 80  C CB  . ASN A 1 11 ? 6.465   -4.290 -0.457 1.00 30.57 ? 11 ASN A CB  1 
ATOM 81  C CG  . ASN A 1 11 ? 7.385   -4.810 -1.539 1.00 30.57 ? 11 ASN A CG  1 
ATOM 82  O OD1 . ASN A 1 11 ? 8.581   -4.995 -1.320 1.00 30.57 ? 11 ASN A OD1 1 
ATOM 83  N ND2 . ASN A 1 11 ? 6.830   -5.048 -2.719 1.00 30.57 ? 11 ASN A ND2 1 
ATOM 84  N N   . ASN A 1 12 ? 5.121   -2.001 1.333  1.00 22.86 ? 12 ASN A N   1 
ATOM 85  C CA  . ASN A 1 12 ? 4.109   -1.563 2.286  1.00 22.86 ? 12 ASN A CA  1 
ATOM 86  C C   . ASN A 1 12 ? 3.239   -0.461 1.695  1.00 22.86 ? 12 ASN A C   1 
ATOM 87  O O   . ASN A 1 12 ? 2.024   -0.437 1.910  1.00 22.86 ? 12 ASN A O   1 
ATOM 88  C CB  . ASN A 1 12 ? 4.772   -1.093 3.579  1.00 22.86 ? 12 ASN A CB  1 
ATOM 89  C CG  . ASN A 1 12 ? 5.225   -2.245 4.452  1.00 22.86 ? 12 ASN A CG  1 
ATOM 90  O OD1 . ASN A 1 12 ? 4.610   -3.309 4.459  1.00 22.86 ? 12 ASN A OD1 1 
ATOM 91  N ND2 . ASN A 1 12 ? 6.304   -2.038 5.194  1.00 22.86 ? 12 ASN A ND2 1 
ATOM 92  N N   . ARG A 1 13 ? 3.844   0.458  0.941  1.00 19.37 ? 13 ARG A N   1 
ATOM 93  C CA  . ARG A 1 13 ? 3.062   1.507  0.292  1.00 19.37 ? 13 ARG A CA  1 
ATOM 94  C C   . ARG A 1 13 ? 2.145   0.934  -0.782 1.00 19.37 ? 13 ARG A C   1 
ATOM 95  O O   . ARG A 1 13 ? 1.019   1.410  -0.958 1.00 19.37 ? 13 ARG A O   1 
ATOM 96  C CB  . ARG A 1 13 ? 3.991   2.569  -0.294 1.00 19.37 ? 13 ARG A CB  1 
ATOM 97  C CG  . ARG A 1 13 ? 4.702   3.399  0.759  1.00 19.37 ? 13 ARG A CG  1 
ATOM 98  C CD  . ARG A 1 13 ? 5.234   4.698  0.189  1.00 19.37 ? 13 ARG A CD  1 
ATOM 99  N NE  . ARG A 1 13 ? 6.509   5.062  0.794  1.00 19.37 ? 13 ARG A NE  1 
ATOM 100 C CZ  . ARG A 1 13 ? 7.693   4.800  0.258  1.00 19.37 ? 13 ARG A CZ  1 
ATOM 101 N NH1 . ARG A 1 13 ? 7.803   4.185  -0.906 1.00 19.37 ? 13 ARG A NH1 1 
ATOM 102 N NH2 . ARG A 1 13 ? 8.794   5.167  0.907  1.00 19.37 ? 13 ARG A NH2 1 
ATOM 103 N N   . ALA A 1 14 ? 2.605   -0.082 -1.515 1.00 18.90 ? 14 ALA A N   1 
ATOM 104 C CA  . ALA A 1 14 ? 1.736   -0.729 -2.496 1.00 18.90 ? 14 ALA A CA  1 
ATOM 105 C C   . ALA A 1 14 ? 0.543   -1.402 -1.824 1.00 18.90 ? 14 ALA A C   1 
ATOM 106 O O   . ALA A 1 14 ? -0.597  -1.298 -2.301 1.00 18.90 ? 14 ALA A O   1 
ATOM 107 C CB  . ALA A 1 14 ? 2.533   -1.744 -3.314 1.00 18.90 ? 14 ALA A CB  1 
ATOM 108 N N   . TYR A 1 15 ? 0.783   -2.094 -0.709 1.00 17.80 ? 15 TYR A N   1 
ATOM 109 C CA  . TYR A 1 15 ? -0.321  -2.708 0.023  1.00 17.80 ? 15 TYR A CA  1 
ATOM 110 C C   . TYR A 1 15 ? -1.265  -1.649 0.583  1.00 17.80 ? 15 TYR A C   1 
ATOM 111 O O   . TYR A 1 15 ? -2.487  -1.849 0.615  1.00 17.80 ? 15 TYR A O   1 
ATOM 112 C CB  . TYR A 1 15 ? 0.218   -3.600 1.139  1.00 17.80 ? 15 TYR A CB  1 
ATOM 113 C CG  . TYR A 1 15 ? -0.844  -4.437 1.811  1.00 17.80 ? 15 TYR A CG  1 
ATOM 114 C CD1 . TYR A 1 15 ? -1.556  -5.390 1.097  1.00 17.80 ? 15 TYR A CD1 1 
ATOM 115 C CD2 . TYR A 1 15 ? -1.130  -4.280 3.159  1.00 17.80 ? 15 TYR A CD2 1 
ATOM 116 C CE1 . TYR A 1 15 ? -2.528  -6.160 1.707  1.00 17.80 ? 15 TYR A CE1 1 
ATOM 117 C CE2 . TYR A 1 15 ? -2.099  -5.046 3.778  1.00 17.80 ? 15 TYR A CE2 1 
ATOM 118 C CZ  . TYR A 1 15 ? -2.795  -5.984 3.047  1.00 17.80 ? 15 TYR A CZ  1 
ATOM 119 O OH  . TYR A 1 15 ? -3.760  -6.748 3.659  1.00 17.80 ? 15 TYR A OH  1 
ATOM 120 N N   . ALA A 1 16 ? -0.718  -0.517 1.030  1.00 14.77 ? 16 ALA A N   1 
ATOM 121 C CA  . ALA A 1 16 ? -1.560  0.579  1.494  1.00 14.77 ? 16 ALA A CA  1 
ATOM 122 C C   . ALA A 1 16 ? -2.409  1.134  0.359  1.00 14.77 ? 16 ALA A C   1 
ATOM 123 O O   . ALA A 1 16 ? -3.564  1.517  0.570  1.00 14.77 ? 16 ALA A O   1 
ATOM 124 C CB  . ALA A 1 16 ? -0.699  1.680  2.107  1.00 14.77 ? 16 ALA A CB  1 
ATOM 125 N N   . ARG A 1 17 ? -1.850  1.196  -0.850 1.00 14.41 ? 17 ARG A N   1 
ATOM 126 C CA  . ARG A 1 17 ? -2.633  1.614  -2.009 1.00 14.41 ? 17 ARG A CA  1 
ATOM 127 C C   . ARG A 1 17 ? -3.771  0.640  -2.283 1.00 14.41 ? 17 ARG A C   1 
ATOM 128 O O   . ARG A 1 17 ? -4.892  1.053  -2.600 1.00 14.41 ? 17 ARG A O   1 
ATOM 129 C CB  . ARG A 1 17 ? -1.735  1.740  -3.237 1.00 14.41 ? 17 ARG A CB  1 
ATOM 130 C CG  . ARG A 1 17 ? -2.456  2.250  -4.469 1.00 14.41 ? 17 ARG A CG  1 
ATOM 131 C CD  . ARG A 1 17 ? -1.528  2.328  -5.664 1.00 14.41 ? 17 ARG A CD  1 
ATOM 132 N NE  . ARG A 1 17 ? -2.236  2.748  -6.868 1.00 14.41 ? 17 ARG A NE  1 
ATOM 133 C CZ  . ARG A 1 17 ? -1.707  2.748  -8.082 1.00 14.41 ? 17 ARG A CZ  1 
ATOM 134 N NH1 . ARG A 1 17 ? -0.460  2.362  -8.293 1.00 14.41 ? 17 ARG A NH1 1 
ATOM 135 N NH2 . ARG A 1 17 ? -2.449  3.145  -9.111 1.00 14.41 ? 17 ARG A NH2 1 
ATOM 136 N N   . ILE A 1 18 ? -3.499  -0.661 -2.167 1.00 13.48 ? 18 ILE A N   1 
ATOM 137 C CA  . ILE A 1 18 ? -4.555  -1.659 -2.352 1.00 13.48 ? 18 ILE A CA  1 
ATOM 138 C C   . ILE A 1 18 ? -5.662  -1.458 -1.323 1.00 13.48 ? 18 ILE A C   1 
ATOM 139 O O   . ILE A 1 18 ? -6.858  -1.493 -1.646 1.00 13.48 ? 18 ILE A O   1 
ATOM 140 C CB  . ILE A 1 18 ? -3.971  -3.081 -2.276 1.00 13.48 ? 18 ILE A CB  1 
ATOM 141 C CG1 . ILE A 1 18 ? -3.149  -3.393 -3.525 1.00 13.48 ? 18 ILE A CG1 1 
ATOM 142 C CG2 . ILE A 1 18 ? -5.078  -4.104 -2.111 1.00 13.48 ? 18 ILE A CG2 1 
ATOM 143 C CD1 . ILE A 1 18 ? -2.610  -4.802 -3.554 1.00 13.48 ? 18 ILE A CD1 1 
ATOM 144 N N   . LEU A 1 19 ? -5.279  -1.242 -0.064 1.00 12.64 ? 19 LEU A N   1 
ATOM 145 C CA  . LEU A 1 19 ? -6.270  -1.049 0.989  1.00 12.64 ? 19 LEU A CA  1 
ATOM 146 C C   . LEU A 1 19 ? -7.070  0.234  0.777  1.00 12.64 ? 19 LEU A C   1 
ATOM 147 O O   . LEU A 1 19 ? -8.280  0.267  1.026  1.00 12.64 ? 19 LEU A O   1 
ATOM 148 C CB  . LEU A 1 19 ? -5.583  -1.040 2.352  1.00 12.64 ? 19 LEU A CB  1 
ATOM 149 C CG  . LEU A 1 19 ? -5.040  -2.386 2.832  1.00 12.64 ? 19 LEU A CG  1 
ATOM 150 C CD1 . LEU A 1 19 ? -4.435  -2.249 4.213  1.00 12.64 ? 19 LEU A CD1 1 
ATOM 151 C CD2 . LEU A 1 19 ? -6.131  -3.439 2.828  1.00 12.64 ? 19 LEU A CD2 1 
ATOM 152 N N   . GLU A 1 20 ? -6.413  1.302  0.324  1.00 13.93 ? 20 GLU A N   1 
ATOM 153 C CA  . GLU A 1 20 ? -7.126  2.542  0.035  1.00 13.93 ? 20 GLU A CA  1 
ATOM 154 C C   . GLU A 1 20 ? -8.097  2.360  -1.124 1.00 13.93 ? 20 GLU A C   1 
ATOM 155 O O   . GLU A 1 20 ? -9.183  2.949  -1.130 1.00 13.93 ? 20 GLU A O   1 
ATOM 156 C CB  . GLU A 1 20 ? -6.132  3.662  -0.267 1.00 13.93 ? 20 GLU A CB  1 
ATOM 157 C CG  . GLU A 1 20 ? -5.371  4.153  0.951  1.00 13.93 ? 20 GLU A CG  1 
ATOM 158 C CD  . GLU A 1 20 ? -4.248  5.103  0.591  1.00 13.93 ? 20 GLU A CD  1 
ATOM 159 O OE1 . GLU A 1 20 ? -3.989  5.290  -0.616 1.00 13.93 ? 20 GLU A OE1 1 
ATOM 160 O OE2 . GLU A 1 20 ? -3.624  5.663  1.516  1.00 13.93 ? 20 GLU A OE2 1 
ATOM 161 N N   . ALA A 1 21 ? -7.721  1.552  -2.117 1.00 12.51 ? 21 ALA A N   1 
ATOM 162 C CA  . ALA A 1 21 ? -8.650  1.236  -3.197 1.00 12.51 ? 21 ALA A CA  1 
ATOM 163 C C   . ALA A 1 21 ? -9.853  0.460  -2.676 1.00 12.51 ? 21 ALA A C   1 
ATOM 164 O O   . ALA A 1 21 ? -10.987 0.693  -3.111 1.00 12.51 ? 21 ALA A O   1 
ATOM 165 C CB  . ALA A 1 21 ? -7.932  0.451  -4.291 1.00 12.51 ? 21 ALA A CB  1 
ATOM 166 N N   . HIS A 1 22 ? -9.626  -0.469 -1.744 1.00 11.85 ? 22 HIS A N   1 
ATOM 167 C CA  . HIS A 1 22 ? -10.743 -1.164 -1.104 1.00 11.85 ? 22 HIS A CA  1 
ATOM 168 C C   . HIS A 1 22 ? -11.658 -0.182 -0.380 1.00 11.85 ? 22 HIS A C   1 
ATOM 169 O O   . HIS A 1 22 ? -12.890 -0.289 -0.457 1.00 11.85 ? 22 HIS A O   1 
ATOM 170 C CB  . HIS A 1 22 ? -10.224 -2.212 -0.122 1.00 11.85 ? 22 HIS A CB  1 
ATOM 171 C CG  . HIS A 1 22 ? -10.023 -3.566 -0.725 1.00 11.85 ? 22 HIS A CG  1 
ATOM 172 N ND1 . HIS A 1 22 ? -11.062 -4.319 -1.226 1.00 11.85 ? 22 HIS A ND1 1 
ATOM 173 C CD2 . HIS A 1 22 ? -8.905  -4.312 -0.888 1.00 11.85 ? 22 HIS A CD2 1 
ATOM 174 C CE1 . HIS A 1 22 ? -10.592 -5.465 -1.683 1.00 11.85 ? 22 HIS A CE1 1 
ATOM 175 N NE2 . HIS A 1 22 ? -9.286  -5.487 -1.490 1.00 11.85 ? 22 HIS A NE2 1 
ATOM 176 N N   . ALA A 1 23 ? -11.069 0.774  0.339  1.00 11.88 ? 23 ALA A N   1 
ATOM 177 C CA  . ALA A 1 23 ? -11.864 1.771  1.049  1.00 11.88 ? 23 ALA A CA  1 
ATOM 178 C C   . ALA A 1 23 ? -12.677 2.619  0.080  1.00 11.88 ? 23 ALA A C   1 
ATOM 179 O O   . ALA A 1 23 ? -13.837 2.944  0.350  1.00 11.88 ? 23 ALA A O   1 
ATOM 180 C CB  . ALA A 1 23 ? -10.960 2.656  1.904  1.00 11.88 ? 23 ALA A CB  1 
ATOM 181 N N   . GLU A 1 24 ? -12.078 2.995  -1.051 1.00 13.31 ? 24 GLU A N   1 
ATOM 182 C CA  . GLU A 1 24 ? -12.806 3.772  -2.049 1.00 13.31 ? 24 GLU A CA  1 
ATOM 183 C C   . GLU A 1 24 ? -13.942 2.959  -2.660 1.00 13.31 ? 24 GLU A C   1 
ATOM 184 O O   . GLU A 1 24 ? -15.019 3.501  -2.937 1.00 13.31 ? 24 GLU A O   1 
ATOM 185 C CB  . GLU A 1 24 ? -11.848 4.264  -3.133 1.00 13.31 ? 24 GLU A CB  1 
ATOM 186 C CG  . GLU A 1 24 ? -12.518 5.041  -4.258 1.00 13.31 ? 24 GLU A CG  1 
ATOM 187 C CD  . GLU A 1 24 ? -13.023 6.410  -3.828 1.00 13.31 ? 24 GLU A CD  1 
ATOM 188 O OE1 . GLU A 1 24 ? -12.796 6.803  -2.664 1.00 13.31 ? 24 GLU A OE1 1 
ATOM 189 O OE2 . GLU A 1 24 ? -13.655 7.096  -4.659 1.00 13.31 ? 24 GLU A OE2 1 
ATOM 190 N N   . ILE A 1 25 ? -13.719 1.662  -2.883 1.00 12.17 ? 25 ILE A N   1 
ATOM 191 C CA  . ILE A 1 25 ? -14.791 0.791  -3.363 1.00 12.17 ? 25 ILE A CA  1 
ATOM 192 C C   . ILE A 1 25 ? -15.943 0.780  -2.368 1.00 12.17 ? 25 ILE A C   1 
ATOM 193 O O   . ILE A 1 25 ? -17.114 0.910  -2.742 1.00 12.17 ? 25 ILE A O   1 
ATOM 194 C CB  . ILE A 1 25 ? -14.263 -0.632 -3.611 1.00 12.17 ? 25 ILE A CB  1 
ATOM 195 C CG1 . ILE A 1 25 ? -13.400 -0.684 -4.869 1.00 12.17 ? 25 ILE A CG1 1 
ATOM 196 C CG2 . ILE A 1 25 ? -15.413 -1.617 -3.724 1.00 12.17 ? 25 ILE A CG2 1 
ATOM 197 C CD1 . ILE A 1 25 ? -12.927 -2.077 -5.203 1.00 12.17 ? 25 ILE A CD1 1 
ATOM 198 N N   . LEU A 1 26 ? -15.624 0.624  -1.081 1.00 12.07 ? 26 LEU A N   1 
ATOM 199 C CA  . LEU A 1 26 ? -16.671 0.584  -0.064 1.00 12.07 ? 26 LEU A CA  1 
ATOM 200 C C   . LEU A 1 26 ? -17.390 1.921  0.061  1.00 12.07 ? 26 LEU A C   1 
ATOM 201 O O   . LEU A 1 26 ? -18.588 1.951  0.361  1.00 12.07 ? 26 LEU A O   1 
ATOM 202 C CB  . LEU A 1 26 ? -16.080 0.171  1.282  1.00 12.07 ? 26 LEU A CB  1 
ATOM 203 C CG  . LEU A 1 26 ? -15.795 -1.320 1.447  1.00 12.07 ? 26 LEU A CG  1 
ATOM 204 C CD1 . LEU A 1 26 ? -15.009 -1.571 2.717  1.00 12.07 ? 26 LEU A CD1 1 
ATOM 205 C CD2 . LEU A 1 26 ? -17.091 -2.106 1.456  1.00 12.07 ? 26 LEU A CD2 1 
ATOM 206 N N   . LYS A 1 27 ? -16.682 3.029  -0.156 1.00 13.60 ? 27 LYS A N   1 
ATOM 207 C CA  . LYS A 1 27 ? -17.307 4.342  -0.061 1.00 13.60 ? 27 LYS A CA  1 
ATOM 208 C C   . LYS A 1 27 ? -18.186 4.652  -1.266 1.00 13.60 ? 27 LYS A C   1 
ATOM 209 O O   . LYS A 1 27 ? -19.217 5.318  -1.119 1.00 13.60 ? 27 LYS A O   1 
ATOM 210 C CB  . LYS A 1 27 ? -16.235 5.421  0.095  1.00 13.60 ? 27 LYS A CB  1 
ATOM 211 C CG  . LYS A 1 27 ? -16.782 6.825  0.276  1.00 13.60 ? 27 LYS A CG  1 
ATOM 212 C CD  . LYS A 1 27 ? -15.832 7.688  1.087  1.00 13.60 ? 27 LYS A CD  1 
ATOM 213 C CE  . LYS A 1 27 ? -16.590 8.727  1.898  1.00 13.60 ? 27 LYS A CE  1 
ATOM 214 N NZ  . LYS A 1 27 ? -17.097 8.172  3.185  1.00 13.60 ? 27 LYS A NZ  1 
ATOM 215 N N   . ALA A 1 28 ? -17.806 4.177  -2.455 1.00 13.63 ? 28 ALA A N   1 
ATOM 216 C CA  . ALA A 1 28 ? -18.566 4.503  -3.657 1.00 13.63 ? 28 ALA A CA  1 
ATOM 217 C C   . ALA A 1 28 ? -19.899 3.769  -3.709 1.00 13.63 ? 28 ALA A C   1 
ATOM 218 O O   . ALA A 1 28 ? -20.801 4.187  -4.442 1.00 13.63 ? 28 ALA A O   1 
ATOM 219 C CB  . ALA A 1 28 ? -17.739 4.187  -4.902 1.00 13.63 ? 28 ALA A CB  1 
ATOM 220 N N   . GLN A 1 29 ? -20.042 2.685  -2.955 1.00 15.41 ? 29 GLN A N   1 
ATOM 221 C CA  . GLN A 1 29 ? -21.278 1.908  -2.958 1.00 15.41 ? 29 GLN A CA  1 
ATOM 222 C C   . GLN A 1 29 ? -22.446 2.727  -2.425 1.00 15.41 ? 29 GLN A C   1 
ATOM 223 O O   . GLN A 1 29 ? -22.668 2.789  -1.219 1.00 15.41 ? 29 GLN A O   1 
ATOM 224 C CB  . GLN A 1 29 ? -21.115 0.635  -2.130 1.00 15.41 ? 29 GLN A CB  1 
ATOM 225 C CG  . GLN A 1 29 ? -20.545 -0.537 -2.903 1.00 15.41 ? 29 GLN A CG  1 
ATOM 226 C CD  . GLN A 1 29 ? -20.297 -1.745 -2.029 1.00 15.41 ? 29 GLN A CD  1 
ATOM 227 O OE1 . GLN A 1 29 ? -20.415 -1.675 -0.808 1.00 15.41 ? 29 GLN A OE1 1 
ATOM 228 N NE2 . GLN A 1 29 ? -19.945 -2.864 -2.650 1.00 15.41 ? 29 GLN A NE2 1 
# 
